data_7L32
#
_entry.id   7L32
#
_cell.length_a   111.680
_cell.length_b   93.290
_cell.length_c   65.250
_cell.angle_alpha   90.000
_cell.angle_beta   90.103
_cell.angle_gamma   90.000
#
_symmetry.space_group_name_H-M   'C 1 2 1'
#
loop_
_entity.id
_entity.type
_entity.pdbx_description
1 polymer 'MPT synthase subunit 2'
2 non-polymer 'BROMIDE ION'
3 water water
#
_entity_poly.entity_id   1
_entity_poly.type   'polypeptide(L)'
_entity_poly.pdbx_seq_one_letter_code
;MAHHHHHHMATIRIQTDDFDLNAEVAALRARNPKIGALACFVGTVRDLNEGDSVAAMELEHYPGMTEKALEKIAAEAGRR
WPGIDVAIVHRVGRLLPLDQIVMVATVASHRGDAFASCEFVMDYLKTEAPFWKKETTPDGERWVDARSTDDAALARWGVE
SGNTPR
;
_entity_poly.pdbx_strand_id   A,B,C
#
loop_
_chem_comp.id
_chem_comp.type
_chem_comp.name
_chem_comp.formula
BR non-polymer 'BROMIDE ION' 'Br -1'
#
# COMPACT_ATOMS: atom_id res chain seq x y z
N ALA A 10 -3.22 -10.99 8.67
CA ALA A 10 -3.59 -12.28 9.27
C ALA A 10 -4.88 -12.82 8.65
N THR A 11 -4.74 -13.48 7.50
CA THR A 11 -5.85 -14.03 6.71
C THR A 11 -6.09 -15.49 7.11
N ILE A 12 -7.26 -15.76 7.69
CA ILE A 12 -7.61 -17.07 8.20
C ILE A 12 -8.96 -17.46 7.63
N ARG A 13 -9.05 -18.68 7.06
CA ARG A 13 -10.27 -19.13 6.40
C ARG A 13 -10.53 -20.61 6.66
N ILE A 14 -11.80 -20.95 6.83
CA ILE A 14 -12.27 -22.33 6.86
C ILE A 14 -13.24 -22.50 5.70
N GLN A 15 -13.05 -23.55 4.89
CA GLN A 15 -13.85 -23.71 3.68
C GLN A 15 -13.97 -25.18 3.34
N THR A 16 -14.96 -25.51 2.51
CA THR A 16 -15.07 -26.87 1.99
C THR A 16 -14.28 -27.04 0.69
N ASP A 17 -14.21 -26.00 -0.14
CA ASP A 17 -13.49 -26.08 -1.39
C ASP A 17 -12.01 -26.37 -1.13
N ASP A 18 -11.36 -26.97 -2.12
CA ASP A 18 -9.92 -27.14 -2.03
C ASP A 18 -9.22 -25.81 -2.22
N PHE A 19 -7.96 -25.72 -1.79
CA PHE A 19 -7.20 -24.49 -1.91
C PHE A 19 -6.02 -24.70 -2.86
N ASP A 20 -5.48 -23.57 -3.35
CA ASP A 20 -4.36 -23.53 -4.28
C ASP A 20 -3.17 -22.92 -3.54
N LEU A 21 -2.19 -23.76 -3.18
CA LEU A 21 -1.03 -23.28 -2.41
C LEU A 21 -0.35 -22.10 -3.10
N ASN A 22 -0.14 -22.19 -4.42
CA ASN A 22 0.50 -21.10 -5.19
C ASN A 22 -0.26 -19.80 -5.02
N ALA A 23 -1.56 -19.83 -5.25
CA ALA A 23 -2.37 -18.61 -5.16
C ALA A 23 -2.33 -18.03 -3.74
N GLU A 24 -2.41 -18.89 -2.72
CA GLU A 24 -2.38 -18.38 -1.34
C GLU A 24 -1.02 -17.78 -1.01
N VAL A 25 0.05 -18.43 -1.47
CA VAL A 25 1.40 -17.92 -1.25
C VAL A 25 1.60 -16.57 -1.94
N ALA A 26 1.13 -16.45 -3.19
CA ALA A 26 1.27 -15.19 -3.92
C ALA A 26 0.51 -14.06 -3.23
N ALA A 27 -0.69 -14.33 -2.72
CA ALA A 27 -1.45 -13.29 -2.02
C ALA A 27 -0.74 -12.87 -0.74
N LEU A 28 -0.18 -13.82 0.02
CA LEU A 28 0.56 -13.47 1.24
C LEU A 28 1.76 -12.58 0.90
N ARG A 29 2.51 -12.92 -0.15
CA ARG A 29 3.64 -12.07 -0.56
CA ARG A 29 3.64 -12.08 -0.54
C ARG A 29 3.17 -10.69 -0.99
N ALA A 30 2.02 -10.61 -1.67
CA ALA A 30 1.51 -9.33 -2.10
C ALA A 30 1.10 -8.44 -0.92
N ARG A 31 0.78 -9.04 0.23
CA ARG A 31 0.48 -8.26 1.44
C ARG A 31 1.72 -7.90 2.24
N ASN A 32 2.90 -8.35 1.81
CA ASN A 32 4.16 -8.17 2.55
C ASN A 32 5.28 -7.83 1.57
N PRO A 33 5.26 -6.63 1.01
CA PRO A 33 6.15 -6.32 -0.12
C PRO A 33 7.64 -6.26 0.22
N LYS A 34 8.03 -6.15 1.49
CA LYS A 34 9.43 -5.90 1.82
C LYS A 34 10.12 -7.08 2.48
N ILE A 35 9.46 -8.22 2.64
CA ILE A 35 10.12 -9.36 3.24
C ILE A 35 9.90 -10.57 2.34
N GLY A 36 10.89 -11.46 2.29
CA GLY A 36 10.89 -12.53 1.31
C GLY A 36 11.11 -13.97 1.74
N ALA A 37 11.22 -14.28 3.04
CA ALA A 37 11.43 -15.65 3.48
C ALA A 37 10.07 -16.25 3.77
N LEU A 38 9.68 -17.29 3.04
CA LEU A 38 8.34 -17.85 3.18
C LEU A 38 8.42 -19.33 3.57
N ALA A 39 7.79 -19.69 4.69
CA ALA A 39 7.71 -21.08 5.09
C ALA A 39 6.25 -21.53 5.00
N CYS A 40 6.03 -22.74 4.52
CA CYS A 40 4.65 -23.21 4.47
CA CYS A 40 4.68 -23.28 4.31
C CYS A 40 4.56 -24.69 4.86
N PHE A 41 3.36 -25.07 5.25
CA PHE A 41 3.09 -26.45 5.61
C PHE A 41 1.76 -26.80 4.98
N VAL A 42 1.69 -27.99 4.37
CA VAL A 42 0.43 -28.53 3.87
C VAL A 42 0.25 -29.93 4.43
N GLY A 43 -0.86 -30.16 5.13
CA GLY A 43 -1.21 -31.50 5.60
C GLY A 43 -2.28 -32.09 4.71
N THR A 44 -2.17 -33.40 4.45
CA THR A 44 -3.06 -34.13 3.55
C THR A 44 -3.50 -35.44 4.21
N VAL A 45 -4.73 -35.86 3.88
CA VAL A 45 -5.27 -37.11 4.43
C VAL A 45 -4.34 -38.26 4.09
N ARG A 46 -3.80 -38.91 5.11
CA ARG A 46 -2.85 -39.98 4.88
C ARG A 46 -3.58 -41.22 4.33
N ASP A 47 -2.93 -41.90 3.38
CA ASP A 47 -3.53 -43.06 2.73
C ASP A 47 -3.13 -44.31 3.51
N LEU A 48 -3.84 -44.53 4.62
CA LEU A 48 -3.55 -45.65 5.53
C LEU A 48 -4.54 -46.80 5.33
N ALA A 56 -13.52 -42.62 4.77
CA ALA A 56 -13.31 -41.20 4.52
C ALA A 56 -13.36 -40.41 5.83
N MET A 57 -12.62 -39.31 5.86
CA MET A 57 -12.60 -38.42 7.01
C MET A 57 -13.66 -37.34 6.82
N GLU A 58 -14.57 -37.23 7.78
CA GLU A 58 -15.57 -36.17 7.82
C GLU A 58 -15.19 -35.25 8.97
N LEU A 59 -14.78 -34.02 8.64
CA LEU A 59 -14.35 -32.99 9.57
C LEU A 59 -15.38 -31.89 9.65
N GLU A 60 -15.65 -31.40 10.86
CA GLU A 60 -16.52 -30.26 11.07
C GLU A 60 -15.90 -29.31 12.08
N HIS A 61 -16.15 -28.03 11.88
CA HIS A 61 -15.68 -26.98 12.77
C HIS A 61 -16.88 -26.42 13.54
N TYR A 62 -16.61 -25.49 14.46
CA TYR A 62 -17.65 -24.75 15.18
C TYR A 62 -17.73 -23.36 14.55
N PRO A 63 -18.71 -23.08 13.71
CA PRO A 63 -18.72 -21.81 12.96
C PRO A 63 -18.55 -20.59 13.85
N GLY A 64 -17.61 -19.72 13.46
CA GLY A 64 -17.28 -18.55 14.26
C GLY A 64 -16.26 -18.87 15.34
N MET A 65 -16.56 -19.86 16.18
CA MET A 65 -15.66 -20.25 17.26
C MET A 65 -14.30 -20.71 16.74
N THR A 66 -14.30 -21.61 15.76
CA THR A 66 -13.03 -22.14 15.28
C THR A 66 -12.20 -21.05 14.60
N GLU A 67 -12.84 -20.20 13.79
CA GLU A 67 -12.10 -19.10 13.16
C GLU A 67 -11.46 -18.18 14.20
N LYS A 68 -12.20 -17.85 15.26
CA LYS A 68 -11.64 -16.99 16.30
C LYS A 68 -10.44 -17.64 16.98
N ALA A 69 -10.48 -18.96 17.18
CA ALA A 69 -9.33 -19.66 17.76
C ALA A 69 -8.12 -19.58 16.82
N LEU A 70 -8.36 -19.74 15.53
CA LEU A 70 -7.26 -19.63 14.57
C LEU A 70 -6.68 -18.22 14.54
N GLU A 71 -7.55 -17.21 14.65
CA GLU A 71 -7.08 -15.83 14.70
C GLU A 71 -6.24 -15.57 15.95
N LYS A 72 -6.64 -16.14 17.09
CA LYS A 72 -5.87 -16.03 18.33
C LYS A 72 -4.50 -16.67 18.18
N ILE A 73 -4.45 -17.85 17.55
CA ILE A 73 -3.17 -18.54 17.32
C ILE A 73 -2.24 -17.68 16.47
N ALA A 74 -2.77 -17.15 15.36
CA ALA A 74 -1.92 -16.31 14.49
C ALA A 74 -1.48 -15.05 15.20
N ALA A 75 -2.36 -14.43 16.00
CA ALA A 75 -1.99 -13.24 16.76
C ALA A 75 -0.85 -13.54 17.74
N GLU A 76 -0.91 -14.69 18.43
CA GLU A 76 0.15 -15.08 19.35
C GLU A 76 1.46 -15.34 18.61
N ALA A 77 1.41 -15.97 17.43
CA ALA A 77 2.62 -16.08 16.62
C ALA A 77 3.22 -14.71 16.32
N GLY A 78 2.36 -13.73 15.99
CA GLY A 78 2.83 -12.39 15.74
C GLY A 78 3.42 -11.71 16.98
N ARG A 79 2.90 -12.03 18.16
CA ARG A 79 3.46 -11.49 19.40
C ARG A 79 4.87 -12.05 19.64
N ARG A 80 5.05 -13.34 19.36
CA ARG A 80 6.34 -13.99 19.64
C ARG A 80 7.40 -13.61 18.60
N TRP A 81 7.00 -13.43 17.35
CA TRP A 81 7.92 -13.10 16.25
C TRP A 81 7.40 -11.84 15.58
N PRO A 82 7.68 -10.67 16.16
CA PRO A 82 7.22 -9.42 15.55
C PRO A 82 7.73 -9.30 14.12
N GLY A 83 6.85 -8.81 13.23
CA GLY A 83 7.22 -8.60 11.84
C GLY A 83 6.84 -9.73 10.89
N ILE A 84 6.32 -10.86 11.38
CA ILE A 84 5.88 -11.93 10.49
C ILE A 84 4.47 -11.61 10.00
N ASP A 85 4.02 -12.33 8.98
CA ASP A 85 2.60 -12.38 8.62
C ASP A 85 2.27 -13.86 8.40
N VAL A 86 0.99 -14.19 8.61
CA VAL A 86 0.50 -15.57 8.73
C VAL A 86 -0.74 -15.73 7.87
N ALA A 87 -0.83 -16.83 7.12
CA ALA A 87 -2.07 -17.20 6.44
C ALA A 87 -2.43 -18.64 6.80
N ILE A 88 -3.71 -18.89 7.08
CA ILE A 88 -4.19 -20.23 7.41
C ILE A 88 -5.44 -20.50 6.59
N VAL A 89 -5.47 -21.65 5.89
CA VAL A 89 -6.69 -22.14 5.25
C VAL A 89 -6.91 -23.57 5.73
N HIS A 90 -8.07 -23.84 6.31
CA HIS A 90 -8.36 -25.19 6.78
C HIS A 90 -9.65 -25.66 6.12
N ARG A 91 -9.65 -26.91 5.65
CA ARG A 91 -10.85 -27.44 5.01
C ARG A 91 -11.70 -28.21 6.02
N VAL A 92 -12.99 -28.33 5.70
CA VAL A 92 -13.94 -29.15 6.43
C VAL A 92 -14.77 -29.93 5.41
N GLY A 93 -15.59 -30.85 5.91
CA GLY A 93 -16.39 -31.70 5.05
C GLY A 93 -15.84 -33.10 4.90
N ARG A 94 -16.25 -33.77 3.84
CA ARG A 94 -15.86 -35.14 3.57
C ARG A 94 -14.56 -35.12 2.76
N LEU A 95 -13.48 -35.56 3.38
CA LEU A 95 -12.15 -35.49 2.78
C LEU A 95 -11.63 -36.91 2.55
N LEU A 96 -11.15 -37.17 1.32
CA LEU A 96 -10.68 -38.49 0.92
C LEU A 96 -9.18 -38.61 1.13
N PRO A 97 -8.65 -39.83 1.16
CA PRO A 97 -7.18 -40.00 1.16
C PRO A 97 -6.53 -39.23 0.02
N LEU A 98 -5.42 -38.57 0.35
CA LEU A 98 -4.59 -37.73 -0.49
C LEU A 98 -5.13 -36.30 -0.60
N ASP A 99 -6.35 -36.02 -0.13
CA ASP A 99 -6.87 -34.66 -0.17
C ASP A 99 -6.06 -33.75 0.75
N GLN A 100 -5.87 -32.50 0.32
CA GLN A 100 -5.34 -31.48 1.20
C GLN A 100 -6.31 -31.19 2.33
N ILE A 101 -5.78 -31.04 3.55
CA ILE A 101 -6.58 -30.69 4.74
C ILE A 101 -6.36 -29.24 5.13
N VAL A 102 -5.10 -28.83 5.25
CA VAL A 102 -4.79 -27.58 5.92
C VAL A 102 -3.51 -27.05 5.30
N MET A 103 -3.43 -25.74 5.16
CA MET A 103 -2.16 -25.10 4.83
C MET A 103 -1.92 -23.94 5.79
N VAL A 104 -0.67 -23.79 6.20
CA VAL A 104 -0.23 -22.64 6.99
C VAL A 104 0.98 -22.07 6.26
N ALA A 105 0.96 -20.76 6.01
CA ALA A 105 2.11 -20.08 5.39
C ALA A 105 2.48 -18.87 6.24
N THR A 106 3.79 -18.65 6.42
CA THR A 106 4.27 -17.48 7.15
C THR A 106 5.35 -16.83 6.32
N VAL A 107 5.49 -15.51 6.46
CA VAL A 107 6.55 -14.78 5.79
CA VAL A 107 6.53 -14.75 5.79
C VAL A 107 7.26 -13.91 6.83
N ALA A 108 8.56 -13.75 6.64
CA ALA A 108 9.39 -12.98 7.55
C ALA A 108 10.58 -12.43 6.76
N SER A 109 11.32 -11.55 7.39
CA SER A 109 12.53 -11.06 6.74
C SER A 109 13.58 -12.16 6.62
N HIS A 110 13.60 -13.12 7.55
CA HIS A 110 14.62 -14.16 7.56
C HIS A 110 14.00 -15.53 7.86
N ARG A 111 14.69 -16.58 7.41
CA ARG A 111 14.09 -17.92 7.40
C ARG A 111 13.87 -18.45 8.81
N GLY A 112 14.70 -18.05 9.78
CA GLY A 112 14.54 -18.56 11.14
C GLY A 112 13.17 -18.27 11.73
N ASP A 113 12.74 -17.01 11.62
CA ASP A 113 11.42 -16.62 12.12
C ASP A 113 10.29 -17.23 11.30
N ALA A 114 10.49 -17.35 9.99
CA ALA A 114 9.46 -17.97 9.16
C ALA A 114 9.20 -19.43 9.57
N PHE A 115 10.27 -20.23 9.66
CA PHE A 115 10.11 -21.64 10.05
C PHE A 115 9.51 -21.78 11.45
N ALA A 116 10.03 -21.04 12.42
CA ALA A 116 9.59 -21.21 13.80
C ALA A 116 8.11 -20.87 13.94
N SER A 117 7.70 -19.75 13.34
CA SER A 117 6.31 -19.32 13.46
C SER A 117 5.37 -20.29 12.74
N CYS A 118 5.80 -20.82 11.60
CA CYS A 118 4.95 -21.76 10.87
C CYS A 118 4.73 -23.03 11.68
N GLU A 119 5.80 -23.57 12.28
CA GLU A 119 5.65 -24.77 13.10
C GLU A 119 4.84 -24.48 14.36
N PHE A 120 5.08 -23.33 14.99
CA PHE A 120 4.30 -22.95 16.17
C PHE A 120 2.80 -22.92 15.85
N VAL A 121 2.44 -22.26 14.73
CA VAL A 121 1.03 -22.17 14.36
C VAL A 121 0.44 -23.56 14.13
N MET A 122 1.18 -24.44 13.45
CA MET A 122 0.68 -25.80 13.22
C MET A 122 0.51 -26.56 14.53
N ASP A 123 1.49 -26.47 15.44
CA ASP A 123 1.40 -27.16 16.73
C ASP A 123 0.18 -26.68 17.52
N TYR A 124 -0.01 -25.37 17.58
CA TYR A 124 -1.12 -24.78 18.33
C TYR A 124 -2.46 -25.11 17.68
N LEU A 125 -2.49 -25.03 16.34
CA LEU A 125 -3.68 -25.43 15.59
C LEU A 125 -4.08 -26.88 15.89
N LYS A 126 -3.11 -27.80 15.78
CA LYS A 126 -3.43 -29.23 15.91
C LYS A 126 -3.85 -29.60 17.32
N THR A 127 -3.38 -28.87 18.33
CA THR A 127 -3.72 -29.19 19.70
C THR A 127 -4.88 -28.37 20.25
N GLU A 128 -5.18 -27.20 19.68
CA GLU A 128 -6.19 -26.34 20.32
C GLU A 128 -7.36 -25.90 19.44
N ALA A 129 -7.26 -25.93 18.12
CA ALA A 129 -8.37 -25.43 17.29
C ALA A 129 -9.55 -26.40 17.34
N PRO A 130 -10.77 -25.92 17.60
CA PRO A 130 -11.92 -26.84 17.73
C PRO A 130 -12.38 -27.44 16.41
N PHE A 131 -12.11 -28.73 16.23
CA PHE A 131 -12.58 -29.51 15.10
C PHE A 131 -13.07 -30.85 15.64
N TRP A 132 -13.98 -31.48 14.89
CA TRP A 132 -14.56 -32.77 15.25
C TRP A 132 -14.54 -33.70 14.05
N LYS A 133 -14.31 -34.98 14.31
CA LYS A 133 -14.30 -36.03 13.30
C LYS A 133 -15.48 -36.96 13.52
N LYS A 134 -16.16 -37.32 12.44
CA LYS A 134 -17.27 -38.26 12.54
C LYS A 134 -16.73 -39.68 12.64
N GLU A 135 -17.26 -40.44 13.59
CA GLU A 135 -16.87 -41.85 13.76
C GLU A 135 -18.11 -42.68 14.05
N THR A 136 -18.15 -43.89 13.51
CA THR A 136 -19.26 -44.80 13.72
C THR A 136 -18.89 -45.75 14.86
N THR A 137 -19.50 -45.53 16.02
CA THR A 137 -19.30 -46.32 17.24
C THR A 137 -20.40 -47.37 17.33
N PRO A 138 -20.36 -48.28 18.32
CA PRO A 138 -21.48 -49.25 18.44
C PRO A 138 -22.83 -48.59 18.67
N ASP A 139 -22.87 -47.48 19.41
CA ASP A 139 -24.12 -46.75 19.57
C ASP A 139 -24.59 -46.18 18.23
N GLY A 140 -23.66 -45.75 17.39
CA GLY A 140 -23.99 -45.13 16.13
C GLY A 140 -22.98 -44.04 15.82
N GLU A 141 -23.35 -43.18 14.87
CA GLU A 141 -22.46 -42.11 14.43
C GLU A 141 -22.26 -41.09 15.55
N ARG A 142 -21.00 -40.78 15.85
CA ARG A 142 -20.65 -39.78 16.83
C ARG A 142 -19.61 -38.82 16.27
N TRP A 143 -19.53 -37.65 16.89
CA TRP A 143 -18.55 -36.62 16.54
C TRP A 143 -17.52 -36.58 17.66
N VAL A 144 -16.27 -36.90 17.33
CA VAL A 144 -15.20 -37.01 18.33
C VAL A 144 -14.24 -35.85 18.15
N ASP A 145 -13.87 -35.24 19.27
CA ASP A 145 -12.88 -34.16 19.32
C ASP A 145 -11.62 -34.54 18.54
N ALA A 146 -11.27 -33.74 17.53
CA ALA A 146 -10.15 -34.02 16.65
C ALA A 146 -8.84 -33.37 17.09
N ARG A 147 -8.86 -32.61 18.18
CA ARG A 147 -7.64 -32.01 18.71
C ARG A 147 -6.68 -33.11 19.14
N SER A 148 -5.41 -32.92 18.85
CA SER A 148 -4.29 -33.77 19.22
C SER A 148 -3.70 -33.31 20.55
N THR A 149 -2.89 -34.17 21.15
CA THR A 149 -2.02 -33.80 22.25
C THR A 149 -0.58 -33.90 21.77
N ASP A 150 0.23 -32.88 22.06
CA ASP A 150 1.66 -32.91 21.74
C ASP A 150 2.35 -32.37 22.99
N ASP A 151 2.91 -33.26 23.82
CA ASP A 151 3.53 -32.75 25.02
C ASP A 151 4.94 -32.26 24.78
N ALA A 152 5.57 -32.67 23.68
CA ALA A 152 6.91 -32.16 23.43
C ALA A 152 6.83 -30.77 22.84
N ALA A 153 5.81 -30.49 22.04
CA ALA A 153 5.63 -29.16 21.49
C ALA A 153 5.29 -28.16 22.59
N LEU A 154 4.44 -28.57 23.54
CA LEU A 154 4.07 -27.67 24.62
C LEU A 154 5.30 -27.25 25.43
N ALA A 155 6.17 -28.21 25.73
CA ALA A 155 7.39 -27.86 26.44
C ALA A 155 8.27 -26.96 25.58
N ARG A 156 8.36 -27.26 24.28
CA ARG A 156 9.19 -26.47 23.38
C ARG A 156 8.78 -25.01 23.38
N TRP A 157 7.47 -24.75 23.37
CA TRP A 157 6.98 -23.38 23.23
C TRP A 157 6.76 -22.69 24.59
N GLY A 158 7.11 -23.33 25.70
CA GLY A 158 7.08 -22.73 27.03
C GLY A 158 5.74 -22.70 27.73
N VAL A 159 4.83 -23.60 27.39
CA VAL A 159 3.50 -23.64 27.99
C VAL A 159 3.31 -24.95 28.74
N GLU A 160 2.54 -24.90 29.82
CA GLU A 160 2.24 -26.11 30.59
C GLU A 160 0.73 -26.26 30.82
N MET B 9 3.48 7.66 14.78
CA MET B 9 2.09 7.48 14.37
C MET B 9 1.69 8.45 13.26
N ALA B 10 0.96 7.94 12.27
CA ALA B 10 0.48 8.75 11.16
C ALA B 10 -0.47 9.84 11.64
N THR B 11 -0.40 11.00 10.97
CA THR B 11 -1.27 12.14 11.27
C THR B 11 -2.50 12.09 10.37
N ILE B 12 -3.68 12.05 10.98
CA ILE B 12 -4.94 11.95 10.26
C ILE B 12 -5.84 13.08 10.74
N ARG B 13 -6.43 13.83 9.80
CA ARG B 13 -7.29 14.94 10.17
C ARG B 13 -8.48 14.97 9.22
N ILE B 14 -9.66 15.24 9.78
CA ILE B 14 -10.87 15.53 9.01
C ILE B 14 -11.34 16.93 9.39
N GLN B 15 -11.58 17.77 8.38
CA GLN B 15 -11.88 19.17 8.64
C GLN B 15 -12.77 19.72 7.53
N THR B 16 -13.42 20.84 7.82
CA THR B 16 -14.16 21.54 6.79
C THR B 16 -13.29 22.55 6.05
N ASP B 17 -12.36 23.20 6.74
CA ASP B 17 -11.49 24.18 6.11
C ASP B 17 -10.67 23.54 5.00
N ASP B 18 -10.31 24.35 4.02
CA ASP B 18 -9.38 23.88 3.00
C ASP B 18 -7.97 23.73 3.59
N PHE B 19 -7.14 22.95 2.93
CA PHE B 19 -5.79 22.69 3.40
C PHE B 19 -4.76 23.29 2.42
N ASP B 20 -3.54 23.45 2.94
CA ASP B 20 -2.40 24.00 2.23
C ASP B 20 -1.41 22.86 2.03
N LEU B 21 -1.28 22.38 0.79
CA LEU B 21 -0.40 21.25 0.52
C LEU B 21 1.02 21.51 1.02
N ASN B 22 1.55 22.70 0.74
CA ASN B 22 2.91 23.04 1.17
C ASN B 22 3.07 22.88 2.67
N ALA B 23 2.13 23.45 3.43
CA ALA B 23 2.22 23.40 4.89
C ALA B 23 2.16 21.96 5.38
N GLU B 24 1.28 21.15 4.79
CA GLU B 24 1.15 19.76 5.22
C GLU B 24 2.40 18.96 4.88
N VAL B 25 2.96 19.20 3.68
CA VAL B 25 4.19 18.55 3.27
C VAL B 25 5.36 18.96 4.18
N ALA B 26 5.45 20.25 4.51
CA ALA B 26 6.54 20.71 5.37
C ALA B 26 6.47 20.08 6.76
N ALA B 27 5.26 19.94 7.32
CA ALA B 27 5.11 19.34 8.64
C ALA B 27 5.51 17.86 8.63
N LEU B 28 5.10 17.13 7.58
CA LEU B 28 5.49 15.73 7.47
C LEU B 28 7.00 15.59 7.37
N ARG B 29 7.65 16.45 6.59
CA ARG B 29 9.10 16.37 6.41
C ARG B 29 9.84 16.76 7.69
N ALA B 30 9.33 17.74 8.45
CA ALA B 30 10.00 18.15 9.67
C ALA B 30 10.08 17.02 10.68
N ARG B 31 9.17 16.05 10.58
CA ARG B 31 9.16 14.89 11.45
C ARG B 31 10.11 13.80 10.98
N ASN B 32 10.71 13.94 9.80
CA ASN B 32 11.53 12.90 9.19
C ASN B 32 12.76 13.51 8.51
N PRO B 33 13.68 14.08 9.30
CA PRO B 33 14.78 14.84 8.67
C PRO B 33 15.74 13.96 7.89
N LYS B 34 15.74 12.65 8.08
CA LYS B 34 16.78 11.80 7.54
C LYS B 34 16.36 11.06 6.29
N ILE B 35 15.15 11.29 5.78
CA ILE B 35 14.68 10.64 4.57
C ILE B 35 14.14 11.73 3.64
N GLY B 36 14.30 11.52 2.33
CA GLY B 36 14.03 12.59 1.38
C GLY B 36 13.10 12.32 0.22
N ALA B 37 12.46 11.16 0.17
CA ALA B 37 11.51 10.84 -0.90
C ALA B 37 10.09 11.07 -0.40
N LEU B 38 9.37 12.01 -1.03
CA LEU B 38 8.00 12.33 -0.63
C LEU B 38 7.07 12.15 -1.81
N ALA B 39 6.03 11.34 -1.65
CA ALA B 39 4.97 11.22 -2.65
C ALA B 39 3.68 11.78 -2.07
N CYS B 40 2.90 12.47 -2.89
CA CYS B 40 1.61 12.91 -2.39
C CYS B 40 0.57 12.85 -3.49
N PHE B 41 -0.68 12.83 -3.07
CA PHE B 41 -1.83 12.85 -3.96
C PHE B 41 -2.81 13.86 -3.42
N VAL B 42 -3.40 14.67 -4.31
CA VAL B 42 -4.52 15.56 -3.96
C VAL B 42 -5.64 15.30 -4.95
N GLY B 43 -6.82 14.96 -4.43
CA GLY B 43 -8.02 14.80 -5.23
C GLY B 43 -8.92 16.01 -5.09
N THR B 44 -9.56 16.39 -6.19
CA THR B 44 -10.38 17.59 -6.23
C THR B 44 -11.66 17.30 -6.98
N VAL B 45 -12.77 17.90 -6.52
CA VAL B 45 -14.08 17.68 -7.09
C VAL B 45 -14.01 17.95 -8.59
N ARG B 46 -14.27 16.92 -9.38
CA ARG B 46 -14.18 17.06 -10.82
C ARG B 46 -15.35 17.90 -11.32
N ASP B 47 -15.08 18.71 -12.34
CA ASP B 47 -16.07 19.65 -12.87
C ASP B 47 -16.89 18.95 -13.95
N LEU B 48 -17.84 18.12 -13.50
CA LEU B 48 -18.69 17.36 -14.40
C LEU B 48 -20.08 17.99 -14.51
N VAL B 54 -23.02 23.00 -12.68
CA VAL B 54 -22.10 22.40 -11.71
C VAL B 54 -22.65 22.54 -10.29
N ALA B 55 -22.99 21.42 -9.66
CA ALA B 55 -23.65 21.40 -8.38
C ALA B 55 -22.64 21.16 -7.25
N ALA B 56 -22.93 21.70 -6.08
CA ALA B 56 -22.08 21.46 -4.94
C ALA B 56 -22.34 20.08 -4.36
N MET B 57 -21.28 19.45 -3.88
CA MET B 57 -21.34 18.17 -3.22
C MET B 57 -21.29 18.37 -1.70
N GLU B 58 -22.19 17.71 -0.99
CA GLU B 58 -22.17 17.72 0.47
C GLU B 58 -21.67 16.37 0.94
N LEU B 59 -20.49 16.36 1.57
CA LEU B 59 -19.85 15.15 2.05
C LEU B 59 -19.87 15.15 3.59
N GLU B 60 -20.16 14.00 4.18
CA GLU B 60 -20.12 13.87 5.63
C GLU B 60 -19.45 12.56 6.03
N HIS B 61 -18.76 12.60 7.17
CA HIS B 61 -18.08 11.45 7.73
C HIS B 61 -18.85 10.97 8.97
N TYR B 62 -18.36 9.88 9.56
CA TYR B 62 -18.90 9.39 10.82
C TYR B 62 -17.92 9.79 11.92
N PRO B 63 -18.23 10.81 12.72
CA PRO B 63 -17.24 11.32 13.68
C PRO B 63 -16.68 10.22 14.57
N GLY B 64 -15.35 10.16 14.64
CA GLY B 64 -14.68 9.10 15.38
C GLY B 64 -14.48 7.85 14.56
N MET B 65 -15.57 7.30 14.02
CA MET B 65 -15.48 6.09 13.21
C MET B 65 -14.59 6.32 11.97
N THR B 66 -14.81 7.41 11.24
CA THR B 66 -14.05 7.62 10.01
C THR B 66 -12.57 7.84 10.29
N GLU B 67 -12.25 8.62 11.33
CA GLU B 67 -10.85 8.83 11.70
C GLU B 67 -10.18 7.52 12.08
N LYS B 68 -10.87 6.67 12.85
CA LYS B 68 -10.29 5.40 13.24
C LYS B 68 -10.03 4.51 12.04
N ALA B 69 -10.92 4.53 11.03
CA ALA B 69 -10.67 3.78 9.80
C ALA B 69 -9.44 4.30 9.06
N LEU B 70 -9.28 5.62 9.01
CA LEU B 70 -8.12 6.19 8.34
C LEU B 70 -6.82 5.85 9.08
N GLU B 71 -6.87 5.85 10.42
CA GLU B 71 -5.69 5.49 11.20
C GLU B 71 -5.31 4.03 10.95
N LYS B 72 -6.32 3.14 10.85
CA LYS B 72 -6.07 1.73 10.57
C LYS B 72 -5.41 1.55 9.21
N ILE B 73 -5.87 2.29 8.20
CA ILE B 73 -5.29 2.22 6.86
C ILE B 73 -3.83 2.66 6.89
N ALA B 74 -3.54 3.80 7.52
CA ALA B 74 -2.16 4.29 7.59
C ALA B 74 -1.28 3.33 8.38
N ALA B 75 -1.80 2.75 9.46
CA ALA B 75 -1.03 1.78 10.24
C ALA B 75 -0.69 0.54 9.41
N GLU B 76 -1.65 0.08 8.60
CA GLU B 76 -1.37 -1.06 7.71
C GLU B 76 -0.32 -0.70 6.66
N ALA B 77 -0.38 0.51 6.11
CA ALA B 77 0.70 0.95 5.21
C ALA B 77 2.05 0.88 5.92
N GLY B 78 2.09 1.30 7.19
CA GLY B 78 3.32 1.24 7.96
C GLY B 78 3.78 -0.17 8.23
N ARG B 79 2.85 -1.13 8.34
CA ARG B 79 3.24 -2.53 8.48
C ARG B 79 3.86 -3.06 7.19
N ARG B 80 3.30 -2.69 6.05
CA ARG B 80 3.79 -3.20 4.77
C ARG B 80 5.11 -2.56 4.36
N TRP B 81 5.30 -1.28 4.70
CA TRP B 81 6.51 -0.55 4.31
C TRP B 81 7.10 0.08 5.58
N PRO B 82 7.84 -0.69 6.37
CA PRO B 82 8.43 -0.14 7.59
C PRO B 82 9.31 1.06 7.28
N GLY B 83 9.23 2.06 8.16
CA GLY B 83 10.05 3.24 8.04
C GLY B 83 9.39 4.42 7.35
N ILE B 84 8.19 4.25 6.80
CA ILE B 84 7.51 5.37 6.16
C ILE B 84 6.82 6.22 7.22
N ASP B 85 6.41 7.43 6.84
CA ASP B 85 5.50 8.24 7.63
C ASP B 85 4.40 8.71 6.70
N VAL B 86 3.19 8.90 7.25
CA VAL B 86 1.97 9.08 6.46
C VAL B 86 1.20 10.26 7.03
N ALA B 87 0.68 11.11 6.13
CA ALA B 87 -0.24 12.17 6.52
C ALA B 87 -1.49 12.11 5.65
N ILE B 88 -2.66 12.24 6.28
CA ILE B 88 -3.94 12.25 5.58
C ILE B 88 -4.76 13.42 6.09
N VAL B 89 -5.25 14.25 5.16
CA VAL B 89 -6.24 15.28 5.47
C VAL B 89 -7.40 15.09 4.51
N HIS B 90 -8.61 14.92 5.04
CA HIS B 90 -9.80 14.79 4.23
C HIS B 90 -10.81 15.87 4.62
N ARG B 91 -11.42 16.49 3.62
CA ARG B 91 -12.40 17.53 3.91
C ARG B 91 -13.81 16.95 3.93
N VAL B 92 -14.71 17.67 4.62
CA VAL B 92 -16.13 17.38 4.63
C VAL B 92 -16.88 18.71 4.49
N GLY B 93 -18.20 18.61 4.35
CA GLY B 93 -19.02 19.79 4.16
C GLY B 93 -19.44 19.98 2.71
N ARG B 94 -19.82 21.23 2.41
CA ARG B 94 -20.30 21.59 1.07
C ARG B 94 -19.10 21.97 0.22
N LEU B 95 -18.81 21.14 -0.78
CA LEU B 95 -17.62 21.30 -1.62
C LEU B 95 -18.03 21.56 -3.07
N LEU B 96 -17.43 22.59 -3.68
CA LEU B 96 -17.75 22.99 -5.04
C LEU B 96 -16.85 22.27 -6.02
N PRO B 97 -17.21 22.25 -7.30
CA PRO B 97 -16.26 21.78 -8.32
C PRO B 97 -14.96 22.56 -8.25
N LEU B 98 -13.85 21.84 -8.40
CA LEU B 98 -12.46 22.28 -8.34
C LEU B 98 -11.95 22.34 -6.89
N ASP B 99 -12.81 22.22 -5.89
CA ASP B 99 -12.31 22.24 -4.51
C ASP B 99 -11.45 21.02 -4.23
N GLN B 100 -10.40 21.21 -3.45
CA GLN B 100 -9.66 20.09 -2.90
C GLN B 100 -10.54 19.28 -1.96
N ILE B 101 -10.44 17.96 -2.08
CA ILE B 101 -11.19 17.02 -1.23
C ILE B 101 -10.27 16.34 -0.23
N VAL B 102 -9.14 15.81 -0.70
CA VAL B 102 -8.36 14.88 0.11
C VAL B 102 -6.90 15.03 -0.29
N MET B 103 -6.01 14.96 0.69
CA MET B 103 -4.59 14.81 0.39
C MET B 103 -4.02 13.67 1.22
N VAL B 104 -3.14 12.90 0.58
CA VAL B 104 -2.37 11.85 1.24
C VAL B 104 -0.92 12.11 0.88
N ALA B 105 -0.04 12.14 1.87
CA ALA B 105 1.39 12.28 1.63
C ALA B 105 2.15 11.21 2.40
N THR B 106 3.18 10.65 1.76
CA THR B 106 4.02 9.69 2.44
C THR B 106 5.47 10.08 2.21
N VAL B 107 6.34 9.76 3.17
CA VAL B 107 7.78 9.98 3.04
CA VAL B 107 7.78 9.98 3.04
C VAL B 107 8.49 8.67 3.34
N ALA B 108 9.57 8.41 2.61
CA ALA B 108 10.34 7.19 2.79
C ALA B 108 11.77 7.48 2.38
N SER B 109 12.67 6.53 2.65
CA SER B 109 14.06 6.75 2.24
C SER B 109 14.20 6.72 0.72
N HIS B 110 13.35 5.97 0.01
CA HIS B 110 13.46 5.87 -1.43
C HIS B 110 12.08 5.95 -2.08
N ARG B 111 12.07 6.36 -3.35
CA ARG B 111 10.81 6.72 -4.01
C ARG B 111 9.88 5.53 -4.19
N GLY B 112 10.42 4.31 -4.35
CA GLY B 112 9.54 3.16 -4.56
C GLY B 112 8.56 2.96 -3.41
N ASP B 113 9.06 3.01 -2.17
CA ASP B 113 8.16 2.84 -1.02
C ASP B 113 7.21 4.02 -0.86
N ALA B 114 7.69 5.23 -1.16
CA ALA B 114 6.83 6.41 -1.04
C ALA B 114 5.65 6.32 -1.99
N PHE B 115 5.90 6.03 -3.27
CA PHE B 115 4.80 5.92 -4.24
C PHE B 115 3.84 4.79 -3.89
N ALA B 116 4.39 3.62 -3.55
CA ALA B 116 3.55 2.45 -3.29
C ALA B 116 2.63 2.69 -2.09
N SER B 117 3.19 3.23 -1.00
CA SER B 117 2.39 3.44 0.19
C SER B 117 1.33 4.51 -0.02
N CYS B 118 1.69 5.57 -0.77
CA CYS B 118 0.72 6.63 -1.03
C CYS B 118 -0.47 6.13 -1.86
N GLU B 119 -0.18 5.36 -2.92
CA GLU B 119 -1.26 4.80 -3.72
C GLU B 119 -2.08 3.75 -2.94
N PHE B 120 -1.41 2.92 -2.13
CA PHE B 120 -2.12 1.97 -1.28
C PHE B 120 -3.08 2.69 -0.34
N VAL B 121 -2.61 3.76 0.32
CA VAL B 121 -3.48 4.49 1.25
C VAL B 121 -4.68 5.08 0.51
N MET B 122 -4.46 5.66 -0.67
CA MET B 122 -5.57 6.23 -1.44
C MET B 122 -6.57 5.14 -1.86
N ASP B 123 -6.06 4.00 -2.33
CA ASP B 123 -6.96 2.90 -2.73
C ASP B 123 -7.81 2.43 -1.55
N TYR B 124 -7.18 2.24 -0.40
CA TYR B 124 -7.90 1.73 0.77
C TYR B 124 -8.87 2.79 1.30
N LEU B 125 -8.45 4.06 1.30
CA LEU B 125 -9.33 5.16 1.68
C LEU B 125 -10.59 5.20 0.83
N LYS B 126 -10.41 5.18 -0.49
CA LYS B 126 -11.55 5.35 -1.41
C LYS B 126 -12.51 4.17 -1.34
N THR B 127 -12.02 3.00 -0.95
CA THR B 127 -12.89 1.82 -0.91
C THR B 127 -13.44 1.52 0.48
N GLU B 128 -12.79 1.94 1.57
CA GLU B 128 -13.23 1.52 2.89
C GLU B 128 -13.53 2.64 3.88
N ALA B 129 -13.08 3.87 3.65
CA ALA B 129 -13.28 4.92 4.65
C ALA B 129 -14.75 5.34 4.67
N PRO B 130 -15.38 5.39 5.83
CA PRO B 130 -16.82 5.72 5.87
C PRO B 130 -17.10 7.19 5.57
N PHE B 131 -17.65 7.46 4.39
CA PHE B 131 -18.13 8.77 3.98
C PHE B 131 -19.47 8.61 3.28
N TRP B 132 -20.28 9.68 3.32
CA TRP B 132 -21.59 9.69 2.68
C TRP B 132 -21.77 10.99 1.92
N LYS B 133 -22.44 10.91 0.77
CA LYS B 133 -22.79 12.07 -0.04
C LYS B 133 -24.30 12.26 -0.04
N LYS B 134 -24.73 13.51 0.12
CA LYS B 134 -26.17 13.81 0.09
C LYS B 134 -26.68 13.83 -1.34
N GLU B 135 -27.83 13.22 -1.56
CA GLU B 135 -28.46 13.17 -2.88
C GLU B 135 -29.93 13.50 -2.75
N THR B 136 -30.44 14.24 -3.74
CA THR B 136 -31.86 14.61 -3.81
C THR B 136 -32.56 13.59 -4.70
N THR B 137 -33.20 12.61 -4.08
CA THR B 137 -34.02 11.63 -4.78
C THR B 137 -35.44 12.16 -4.95
N PRO B 138 -36.30 11.48 -5.70
CA PRO B 138 -37.70 11.92 -5.78
C PRO B 138 -38.37 12.01 -4.42
N ASP B 139 -38.10 11.06 -3.52
CA ASP B 139 -38.68 11.11 -2.19
C ASP B 139 -38.17 12.32 -1.43
N GLY B 140 -36.85 12.50 -1.39
CA GLY B 140 -36.27 13.63 -0.67
C GLY B 140 -34.77 13.45 -0.54
N GLU B 141 -34.18 14.23 0.38
CA GLU B 141 -32.74 14.17 0.61
C GLU B 141 -32.36 12.84 1.26
N ARG B 142 -31.37 12.17 0.68
CA ARG B 142 -30.82 10.94 1.23
C ARG B 142 -29.30 11.04 1.29
N TRP B 143 -28.73 10.24 2.17
CA TRP B 143 -27.28 10.15 2.34
C TRP B 143 -26.84 8.81 1.79
N VAL B 144 -26.00 8.85 0.75
CA VAL B 144 -25.58 7.66 0.01
C VAL B 144 -24.11 7.38 0.33
N ASP B 145 -23.83 6.11 0.63
CA ASP B 145 -22.46 5.65 0.88
C ASP B 145 -21.55 6.06 -0.26
N ALA B 146 -20.48 6.78 0.08
CA ALA B 146 -19.56 7.32 -0.92
C ALA B 146 -18.38 6.40 -1.19
N ARG B 147 -18.29 5.28 -0.48
CA ARG B 147 -17.24 4.29 -0.73
C ARG B 147 -17.39 3.75 -2.14
N SER B 148 -16.26 3.42 -2.75
CA SER B 148 -16.29 2.85 -4.09
C SER B 148 -16.63 1.37 -4.02
N THR B 149 -17.08 0.83 -5.14
CA THR B 149 -17.34 -0.59 -5.29
C THR B 149 -16.28 -1.28 -6.15
N ASP B 150 -15.10 -0.69 -6.26
CA ASP B 150 -14.03 -1.23 -7.10
C ASP B 150 -13.16 -2.16 -6.28
N ASP B 151 -13.24 -3.45 -6.58
CA ASP B 151 -12.48 -4.50 -5.91
C ASP B 151 -11.15 -4.82 -6.58
N ALA B 152 -10.89 -4.31 -7.79
CA ALA B 152 -9.67 -4.71 -8.51
C ALA B 152 -8.43 -3.98 -8.03
N ALA B 153 -8.56 -2.74 -7.55
CA ALA B 153 -7.38 -2.05 -7.02
C ALA B 153 -6.87 -2.76 -5.77
N LEU B 154 -7.79 -3.20 -4.90
CA LEU B 154 -7.43 -3.94 -3.71
C LEU B 154 -6.77 -5.28 -4.06
N ALA B 155 -7.16 -5.89 -5.18
CA ALA B 155 -6.55 -7.16 -5.59
C ALA B 155 -5.05 -7.01 -5.80
N ARG B 156 -4.62 -5.86 -6.32
CA ARG B 156 -3.20 -5.56 -6.49
C ARG B 156 -2.46 -5.71 -5.15
N TRP B 157 -3.12 -5.33 -4.06
CA TRP B 157 -2.53 -5.27 -2.74
C TRP B 157 -2.67 -6.59 -1.98
N GLY B 158 -3.24 -7.61 -2.61
CA GLY B 158 -3.34 -8.94 -2.04
C GLY B 158 -4.50 -9.18 -1.10
N VAL B 159 -5.52 -8.34 -1.15
CA VAL B 159 -6.69 -8.45 -0.28
C VAL B 159 -7.90 -8.71 -1.18
N GLU B 160 -8.44 -9.93 -1.11
CA GLU B 160 -9.59 -10.31 -1.93
C GLU B 160 -10.90 -10.13 -1.17
N ALA C 10 5.48 19.64 -22.51
CA ALA C 10 4.97 19.96 -21.18
C ALA C 10 5.85 21.02 -20.51
N THR C 11 5.53 21.41 -19.28
CA THR C 11 6.29 22.45 -18.58
C THR C 11 7.42 21.79 -17.82
N ILE C 12 8.62 21.88 -18.38
CA ILE C 12 9.80 21.23 -17.86
C ILE C 12 10.91 22.27 -17.79
N ARG C 13 11.51 22.44 -16.62
CA ARG C 13 12.58 23.42 -16.52
C ARG C 13 13.63 23.01 -15.50
N ILE C 14 14.85 23.44 -15.76
CA ILE C 14 15.98 23.29 -14.85
C ILE C 14 16.40 24.67 -14.38
N GLN C 15 16.58 24.83 -13.06
CA GLN C 15 16.88 26.13 -12.47
C GLN C 15 17.73 25.95 -11.23
N THR C 16 18.38 27.03 -10.82
CA THR C 16 19.09 27.03 -9.55
C THR C 16 18.21 27.46 -8.40
N ASP C 17 17.28 28.37 -8.65
CA ASP C 17 16.38 28.84 -7.60
C ASP C 17 15.55 27.69 -7.08
N ASP C 18 15.11 27.82 -5.83
CA ASP C 18 14.18 26.86 -5.28
C ASP C 18 12.80 27.07 -5.93
N PHE C 19 11.95 26.05 -5.85
CA PHE C 19 10.61 26.10 -6.41
C PHE C 19 9.56 26.03 -5.30
N ASP C 20 8.34 26.40 -5.65
CA ASP C 20 7.20 26.42 -4.75
C ASP C 20 6.22 25.35 -5.23
N LEU C 21 6.12 24.25 -4.48
CA LEU C 21 5.25 23.14 -4.88
C LEU C 21 3.82 23.62 -5.12
N ASN C 22 3.29 24.44 -4.20
CA ASN C 22 1.92 24.94 -4.30
C ASN C 22 1.70 25.69 -5.62
N ALA C 23 2.60 26.63 -5.92
CA ALA C 23 2.46 27.43 -7.14
C ALA C 23 2.54 26.56 -8.38
N GLU C 24 3.47 25.60 -8.41
CA GLU C 24 3.62 24.74 -9.58
C GLU C 24 2.38 23.87 -9.79
N VAL C 25 1.83 23.33 -8.71
CA VAL C 25 0.63 22.51 -8.76
C VAL C 25 -0.57 23.35 -9.21
N ALA C 26 -0.69 24.56 -8.68
CA ALA C 26 -1.79 25.42 -9.06
C ALA C 26 -1.75 25.76 -10.54
N ALA C 27 -0.56 26.03 -11.07
CA ALA C 27 -0.43 26.33 -12.49
C ALA C 27 -0.76 25.11 -13.34
N LEU C 28 -0.32 23.92 -12.93
CA LEU C 28 -0.66 22.69 -13.64
C LEU C 28 -2.18 22.48 -13.67
N ARG C 29 -2.85 22.69 -12.54
CA ARG C 29 -4.30 22.56 -12.51
CA ARG C 29 -4.30 22.56 -12.51
C ARG C 29 -4.95 23.60 -13.42
N ALA C 30 -4.38 24.80 -13.49
CA ALA C 30 -4.93 25.85 -14.35
C ALA C 30 -4.78 25.51 -15.83
N ARG C 31 -3.78 24.71 -16.21
CA ARG C 31 -3.63 24.28 -17.59
C ARG C 31 -4.47 23.04 -17.93
N ASN C 32 -5.21 22.47 -16.97
CA ASN C 32 -5.96 21.24 -17.14
C ASN C 32 -7.30 21.36 -16.41
N PRO C 33 -8.21 22.19 -16.93
CA PRO C 33 -9.41 22.56 -16.15
C PRO C 33 -10.42 21.44 -15.90
N LYS C 34 -10.37 20.32 -16.62
CA LYS C 34 -11.43 19.31 -16.51
C LYS C 34 -11.02 18.04 -15.82
N ILE C 35 -9.78 17.96 -15.32
CA ILE C 35 -9.33 16.75 -14.65
C ILE C 35 -8.72 17.17 -13.32
N GLY C 36 -8.89 16.32 -12.29
CA GLY C 36 -8.49 16.73 -10.95
C GLY C 36 -7.63 15.80 -10.12
N ALA C 37 -7.23 14.63 -10.62
CA ALA C 37 -6.45 13.71 -9.80
C ALA C 37 -4.98 14.06 -10.00
N LEU C 38 -4.32 14.51 -8.93
CA LEU C 38 -2.96 15.02 -9.05
C LEU C 38 -2.01 14.22 -8.15
N ALA C 39 -0.95 13.68 -8.76
CA ALA C 39 0.11 12.98 -8.05
C ALA C 39 1.39 13.79 -8.16
N CYS C 40 2.14 13.86 -7.05
CA CYS C 40 3.37 14.63 -6.98
C CYS C 40 4.47 13.80 -6.35
N PHE C 41 5.71 14.08 -6.75
CA PHE C 41 6.87 13.57 -6.03
C PHE C 41 7.79 14.75 -5.79
N VAL C 42 8.34 14.85 -4.58
CA VAL C 42 9.36 15.85 -4.26
C VAL C 42 10.55 15.13 -3.61
N GLY C 43 11.74 15.30 -4.18
CA GLY C 43 12.95 14.76 -3.59
C GLY C 43 13.75 15.86 -2.89
N THR C 44 14.29 15.52 -1.72
CA THR C 44 15.03 16.47 -0.89
C THR C 44 16.31 15.82 -0.36
N VAL C 45 17.34 16.66 -0.19
CA VAL C 45 18.63 16.21 0.35
C VAL C 45 18.45 15.70 1.78
N ARG C 46 18.83 14.45 2.03
CA ARG C 46 18.67 13.88 3.36
C ARG C 46 19.57 14.57 4.36
N ASP C 47 19.06 14.81 5.57
CA ASP C 47 19.82 15.40 6.66
C ASP C 47 20.30 14.27 7.57
N LEU C 48 21.39 13.63 7.18
CA LEU C 48 21.93 12.51 7.95
C LEU C 48 23.10 12.95 8.81
N ALA C 56 28.26 18.38 0.88
CA ALA C 56 27.19 19.01 0.12
C ALA C 56 27.06 18.37 -1.26
N MET C 57 25.84 18.38 -1.80
CA MET C 57 25.58 17.85 -3.13
C MET C 57 25.66 18.99 -4.13
N GLU C 58 26.54 18.85 -5.12
CA GLU C 58 26.66 19.79 -6.24
C GLU C 58 26.23 19.10 -7.52
N LEU C 59 25.15 19.60 -8.10
CA LEU C 59 24.53 19.04 -9.29
C LEU C 59 24.74 19.95 -10.49
N GLU C 60 25.02 19.36 -11.64
CA GLU C 60 25.09 20.11 -12.87
C GLU C 60 24.41 19.31 -13.97
N HIS C 61 23.76 20.02 -14.89
CA HIS C 61 23.09 19.43 -16.04
C HIS C 61 23.84 19.81 -17.31
N TYR C 62 23.39 19.26 -18.44
CA TYR C 62 23.88 19.62 -19.77
C TYR C 62 22.86 20.56 -20.38
N PRO C 63 23.13 21.86 -20.43
CA PRO C 63 22.08 22.81 -20.89
C PRO C 63 21.53 22.44 -22.24
N GLY C 64 20.20 22.39 -22.33
CA GLY C 64 19.52 21.99 -23.54
C GLY C 64 19.36 20.48 -23.66
N MET C 65 20.47 19.76 -23.55
CA MET C 65 20.44 18.31 -23.64
C MET C 65 19.56 17.71 -22.55
N THR C 66 19.75 18.14 -21.30
CA THR C 66 19.01 17.54 -20.20
C THR C 66 17.51 17.83 -20.32
N GLU C 67 17.15 19.06 -20.70
CA GLU C 67 15.73 19.39 -20.89
C GLU C 67 15.10 18.51 -21.97
N LYS C 68 15.83 18.28 -23.06
CA LYS C 68 15.31 17.43 -24.13
C LYS C 68 15.07 16.01 -23.65
N ALA C 69 15.95 15.50 -22.78
CA ALA C 69 15.72 14.17 -22.21
C ALA C 69 14.46 14.15 -21.34
N LEU C 70 14.26 15.20 -20.55
CA LEU C 70 13.06 15.27 -19.71
C LEU C 70 11.80 15.39 -20.56
N GLU C 71 11.87 16.17 -21.64
CA GLU C 71 10.73 16.31 -22.55
C GLU C 71 10.39 14.97 -23.20
N LYS C 72 11.41 14.19 -23.57
CA LYS C 72 11.18 12.88 -24.14
C LYS C 72 10.47 11.95 -23.14
N ILE C 73 10.89 11.99 -21.87
CA ILE C 73 10.26 11.15 -20.85
C ILE C 73 8.80 11.53 -20.68
N ALA C 74 8.52 12.84 -20.56
CA ALA C 74 7.15 13.30 -20.38
C ALA C 74 6.29 12.96 -21.58
N ALA C 75 6.85 13.09 -22.80
CA ALA C 75 6.10 12.75 -24.01
C ALA C 75 5.72 11.26 -24.02
N GLU C 76 6.65 10.38 -23.65
CA GLU C 76 6.31 8.96 -23.59
C GLU C 76 5.26 8.67 -22.51
N ALA C 77 5.36 9.33 -21.36
CA ALA C 77 4.32 9.18 -20.35
C ALA C 77 2.95 9.56 -20.91
N GLY C 78 2.91 10.63 -21.71
CA GLY C 78 1.66 11.04 -22.32
C GLY C 78 1.11 10.02 -23.31
N ARG C 79 2.00 9.31 -24.03
CA ARG C 79 1.56 8.23 -24.90
C ARG C 79 1.07 7.02 -24.11
N ARG C 80 1.73 6.69 -23.00
CA ARG C 80 1.35 5.50 -22.24
C ARG C 80 0.05 5.71 -21.47
N TRP C 81 -0.22 6.93 -21.02
CA TRP C 81 -1.45 7.26 -20.28
C TRP C 81 -2.06 8.47 -20.96
N PRO C 82 -2.75 8.27 -22.07
CA PRO C 82 -3.30 9.42 -22.81
C PRO C 82 -4.22 10.28 -21.94
N GLY C 83 -4.09 11.59 -22.07
CA GLY C 83 -4.90 12.51 -21.33
C GLY C 83 -4.27 13.07 -20.06
N ILE C 84 -3.08 12.61 -19.68
CA ILE C 84 -2.40 13.17 -18.52
C ILE C 84 -1.69 14.45 -18.93
N ASP C 85 -1.25 15.24 -17.96
CA ASP C 85 -0.31 16.35 -18.20
C ASP C 85 0.77 16.25 -17.14
N VAL C 86 1.98 16.74 -17.45
CA VAL C 86 3.17 16.52 -16.64
C VAL C 86 3.91 17.84 -16.44
N ALA C 87 4.39 18.08 -15.21
CA ALA C 87 5.28 19.20 -14.94
C ALA C 87 6.51 18.68 -14.23
N ILE C 88 7.69 19.21 -14.60
CA ILE C 88 8.94 18.82 -13.97
C ILE C 88 9.73 20.09 -13.67
N VAL C 89 10.20 20.23 -12.43
CA VAL C 89 11.21 21.24 -12.10
C VAL C 89 12.38 20.53 -11.39
N HIS C 90 13.58 20.67 -11.93
CA HIS C 90 14.76 20.07 -11.32
C HIS C 90 15.77 21.17 -11.03
N ARG C 91 16.35 21.13 -9.84
CA ARG C 91 17.32 22.13 -9.45
C ARG C 91 18.73 21.62 -9.76
N VAL C 92 19.65 22.57 -9.90
CA VAL C 92 21.08 22.30 -10.03
C VAL C 92 21.82 23.28 -9.12
N GLY C 93 23.12 23.10 -9.02
CA GLY C 93 23.93 23.90 -8.14
C GLY C 93 24.26 23.18 -6.85
N ARG C 94 24.62 23.96 -5.84
CA ARG C 94 24.99 23.44 -4.53
C ARG C 94 23.75 23.33 -3.65
N LEU C 95 23.37 22.10 -3.31
CA LEU C 95 22.16 21.84 -2.55
C LEU C 95 22.53 21.26 -1.19
N LEU C 96 22.02 21.87 -0.13
CA LEU C 96 22.34 21.51 1.25
C LEU C 96 21.31 20.54 1.80
N PRO C 97 21.63 19.86 2.92
CA PRO C 97 20.62 19.02 3.57
C PRO C 97 19.32 19.77 3.83
N LEU C 98 18.21 19.09 3.55
CA LEU C 98 16.82 19.53 3.64
C LEU C 98 16.39 20.35 2.42
N ASP C 99 17.31 20.77 1.53
CA ASP C 99 16.91 21.50 0.33
C ASP C 99 16.11 20.61 -0.62
N GLN C 100 15.11 21.20 -1.28
CA GLN C 100 14.42 20.51 -2.36
C GLN C 100 15.35 20.28 -3.55
N ILE C 101 15.24 19.10 -4.16
CA ILE C 101 16.02 18.76 -5.34
C ILE C 101 15.18 18.83 -6.61
N VAL C 102 14.05 18.14 -6.60
CA VAL C 102 13.27 17.90 -7.82
C VAL C 102 11.82 17.74 -7.43
N MET C 103 10.92 18.21 -8.30
CA MET C 103 9.51 17.85 -8.18
C MET C 103 9.00 17.38 -9.53
N VAL C 104 8.16 16.36 -9.50
CA VAL C 104 7.41 15.90 -10.67
C VAL C 104 5.95 15.87 -10.25
N ALA C 105 5.09 16.50 -11.04
CA ALA C 105 3.65 16.51 -10.78
C ALA C 105 2.92 16.05 -12.04
N THR C 106 1.90 15.21 -11.88
CA THR C 106 1.08 14.79 -13.00
C THR C 106 -0.38 14.96 -12.62
N VAL C 107 -1.22 15.21 -13.61
CA VAL C 107 -2.67 15.28 -13.39
CA VAL C 107 -2.67 15.32 -13.43
C VAL C 107 -3.35 14.39 -14.41
N ALA C 108 -4.45 13.77 -13.98
CA ALA C 108 -5.21 12.84 -14.81
C ALA C 108 -6.66 12.90 -14.38
N SER C 109 -7.54 12.26 -15.16
CA SER C 109 -8.92 12.19 -14.72
C SER C 109 -9.08 11.32 -13.49
N HIS C 110 -8.24 10.28 -13.33
CA HIS C 110 -8.37 9.36 -12.21
C HIS C 110 -7.00 9.04 -11.63
N ARG C 111 -7.01 8.60 -10.37
CA ARG C 111 -5.77 8.50 -9.58
C ARG C 111 -4.80 7.45 -10.12
N GLY C 112 -5.32 6.36 -10.71
CA GLY C 112 -4.44 5.31 -11.21
C GLY C 112 -3.46 5.82 -12.26
N ASP C 113 -3.96 6.59 -13.23
CA ASP C 113 -3.08 7.14 -14.27
C ASP C 113 -2.15 8.21 -13.71
N ALA C 114 -2.61 9.00 -12.75
CA ALA C 114 -1.74 10.01 -12.15
C ALA C 114 -0.56 9.37 -11.41
N PHE C 115 -0.83 8.37 -10.55
CA PHE C 115 0.25 7.70 -9.82
C PHE C 115 1.23 7.02 -10.78
N ALA C 116 0.70 6.29 -11.76
CA ALA C 116 1.55 5.53 -12.66
C ALA C 116 2.46 6.45 -13.47
N SER C 117 1.89 7.53 -14.02
CA SER C 117 2.69 8.42 -14.86
C SER C 117 3.73 9.17 -14.03
N CYS C 118 3.39 9.57 -12.81
CA CYS C 118 4.35 10.26 -11.97
C CYS C 118 5.54 9.37 -11.60
N GLU C 119 5.27 8.12 -11.19
CA GLU C 119 6.37 7.21 -10.87
C GLU C 119 7.18 6.85 -12.12
N PHE C 120 6.50 6.65 -13.24
CA PHE C 120 7.22 6.39 -14.49
C PHE C 120 8.20 7.52 -14.81
N VAL C 121 7.74 8.76 -14.73
CA VAL C 121 8.60 9.89 -15.05
C VAL C 121 9.77 9.94 -14.08
N MET C 122 9.51 9.72 -12.78
CA MET C 122 10.60 9.73 -11.81
C MET C 122 11.63 8.63 -12.08
N ASP C 123 11.16 7.42 -12.41
CA ASP C 123 12.08 6.32 -12.65
C ASP C 123 13.02 6.64 -13.81
N TYR C 124 12.46 7.11 -14.93
CA TYR C 124 13.29 7.40 -16.11
C TYR C 124 14.15 8.64 -15.92
N LEU C 125 13.61 9.65 -15.23
CA LEU C 125 14.40 10.82 -14.88
C LEU C 125 15.68 10.39 -14.15
N LYS C 126 15.52 9.55 -13.12
CA LYS C 126 16.66 9.16 -12.29
C LYS C 126 17.66 8.29 -13.04
N THR C 127 17.20 7.56 -14.07
CA THR C 127 18.10 6.67 -14.79
C THR C 127 18.59 7.23 -16.12
N GLU C 128 17.89 8.17 -16.75
CA GLU C 128 18.28 8.58 -18.10
C GLU C 128 18.59 10.05 -18.28
N ALA C 129 18.11 10.93 -17.42
CA ALA C 129 18.33 12.36 -17.63
C ALA C 129 19.79 12.70 -17.33
N PRO C 130 20.50 13.39 -18.24
CA PRO C 130 21.92 13.67 -18.00
C PRO C 130 22.15 14.69 -16.89
N PHE C 131 22.66 14.21 -15.77
CA PHE C 131 23.09 15.03 -14.65
C PHE C 131 24.43 14.50 -14.15
N TRP C 132 25.20 15.38 -13.51
CA TRP C 132 26.50 15.03 -12.97
C TRP C 132 26.61 15.58 -11.57
N LYS C 133 27.29 14.84 -10.69
CA LYS C 133 27.53 15.24 -9.32
C LYS C 133 29.03 15.45 -9.11
N LYS C 134 29.38 16.52 -8.41
CA LYS C 134 30.79 16.82 -8.13
C LYS C 134 31.29 15.95 -6.97
N GLU C 135 32.47 15.37 -7.14
CA GLU C 135 33.13 14.60 -6.11
C GLU C 135 34.61 14.97 -6.07
N THR C 136 35.16 15.03 -4.86
CA THR C 136 36.57 15.38 -4.70
C THR C 136 37.47 14.16 -4.58
N GLU C 141 38.95 17.61 -7.84
CA GLU C 141 37.53 17.74 -8.12
C GLU C 141 37.21 17.22 -9.52
N ARG C 142 36.24 16.29 -9.58
CA ARG C 142 35.76 15.71 -10.83
C ARG C 142 34.23 15.69 -10.83
N TRP C 143 33.66 15.54 -12.02
CA TRP C 143 32.21 15.47 -12.20
C TRP C 143 31.82 14.04 -12.56
N VAL C 144 31.01 13.41 -11.70
CA VAL C 144 30.65 12.00 -11.83
C VAL C 144 29.20 11.91 -12.30
N ASP C 145 28.96 11.07 -13.30
CA ASP C 145 27.62 10.81 -13.82
C ASP C 145 26.67 10.45 -12.69
N ALA C 146 25.59 11.22 -12.55
CA ALA C 146 24.64 11.02 -11.45
C ALA C 146 23.46 10.14 -11.83
N ARG C 147 23.40 9.64 -13.06
CA ARG C 147 22.30 8.77 -13.43
C ARG C 147 22.33 7.48 -12.62
N SER C 148 21.14 7.01 -12.22
CA SER C 148 21.02 5.78 -11.47
C SER C 148 21.00 4.59 -12.41
N THR C 149 21.31 3.44 -11.85
CA THR C 149 21.20 2.15 -12.54
C THR C 149 20.07 1.36 -11.90
N ASP C 150 18.87 1.46 -12.46
CA ASP C 150 17.74 0.68 -12.01
C ASP C 150 17.58 -0.48 -13.01
N ASP C 151 17.91 -1.68 -12.56
CA ASP C 151 17.85 -2.85 -13.43
C ASP C 151 16.46 -3.46 -13.45
N ALA C 152 15.61 -3.08 -12.49
CA ALA C 152 14.22 -3.49 -12.40
C ALA C 152 13.28 -2.56 -13.17
N ALA C 153 13.70 -1.32 -13.42
CA ALA C 153 12.80 -0.34 -14.05
C ALA C 153 12.34 -0.78 -15.42
N LEU C 154 13.25 -1.34 -16.23
CA LEU C 154 12.83 -1.83 -17.53
C LEU C 154 11.80 -2.94 -17.39
N ALA C 155 11.98 -3.79 -16.37
CA ALA C 155 11.04 -4.89 -16.16
C ALA C 155 9.65 -4.40 -15.75
N ARG C 156 9.57 -3.43 -14.83
CA ARG C 156 8.24 -2.99 -14.39
C ARG C 156 7.46 -2.32 -15.51
N TRP C 157 8.09 -1.41 -16.25
CA TRP C 157 7.34 -0.60 -17.20
C TRP C 157 7.28 -1.19 -18.60
N GLY C 158 8.33 -1.87 -19.05
CA GLY C 158 8.26 -2.52 -20.34
C GLY C 158 8.44 -1.50 -21.47
N VAL C 159 7.91 -1.88 -22.63
CA VAL C 159 7.96 -1.09 -23.85
C VAL C 159 6.53 -0.77 -24.26
N GLU C 160 6.31 0.46 -24.74
CA GLU C 160 4.99 0.90 -25.21
C GLU C 160 4.32 -0.17 -26.08
BR BR D . -9.82 -14.64 3.60
BR BR E . -2.53 -32.29 9.07
BR BR F . 0.74 -33.52 11.16
BR BR G . -15.24 11.41 -12.08
BR BR H . 14.67 8.72 -4.91
BR BR I . -10.60 12.15 -4.75
BR BR J . -9.67 9.24 -7.75
BR BR K . 15.46 12.57 -5.60
#